data_6PEC
#
_entry.id   6PEC
#
_cell.length_a   54.763
_cell.length_b   88.378
_cell.length_c   121.276
_cell.angle_alpha   90.000
_cell.angle_beta   90.000
_cell.angle_gamma   90.000
#
_symmetry.space_group_name_H-M   'P 21 21 21'
#
loop_
_entity.id
_entity.type
_entity.pdbx_description
1 polymer 'antibody light chain'
2 polymer 'antibody heavy chain'
3 polymer 'HIV-1 fusion peptide residue 512-519'
4 water water
#
loop_
_entity_poly.entity_id
_entity_poly.type
_entity_poly.pdbx_seq_one_letter_code
_entity_poly.pdbx_strand_id
1 'polypeptide(L)'
;MTQSPVSLSASVGDTVTITCRASQGISSYLSWYQQKPGKAPKLLIYDSTTLQGGVPSRFSGSGSGTEFTLTISSLQPEDF
ATYYCQQYETYPITFGGGTKVDIKRTVAAPSVFIFPPSDEQLKSGTASVVCLLNNFYPREAKVQWKVDNALQSGNSQESV
TEQDSKDSTYSLSSTLTLSKADYEKHKVYACEVTHQGLSSPVTKSFNR
;
L
2 'polypeptide(L)'
;QLQESGPGVVKPSETLSLTCAVSGGTISSGYYYWSWIRQPPGKGLEWIGGTYSNRESTNYNPSLKSRVTISKDTSKNQFS
LKLKSVTAADTAVYFCGREGSGTWKGALDDSWGQGVLVTVSSASTKGPSVFPLAPSGTAALGCLVKDYFPEPVTVSWNSG
ALTSGVHTFPAVLQSSGLYSLSSVVTVPSSSLGTQTYICNVNHKPSNTKVDKKVEP
;
H
3 'polypeptide(L)' AVGIGAVF A
#
# COMPACT_ATOMS: atom_id res chain seq x y z
N MET A 1 18.92 -9.62 8.69
CA MET A 1 18.79 -8.90 7.42
C MET A 1 18.38 -7.45 7.66
N THR A 2 19.08 -6.51 7.03
CA THR A 2 18.79 -5.10 7.23
C THR A 2 19.00 -4.30 5.95
N GLN A 3 17.91 -3.73 5.44
CA GLN A 3 17.97 -2.95 4.20
C GLN A 3 17.92 -1.46 4.53
N SER A 4 18.76 -0.67 3.87
CA SER A 4 18.81 0.76 4.13
C SER A 4 19.14 1.55 2.87
N PRO A 5 18.68 2.79 2.79
CA PRO A 5 17.79 3.47 3.74
C PRO A 5 16.35 3.02 3.55
N VAL A 6 15.46 3.42 4.45
CA VAL A 6 14.05 3.07 4.31
C VAL A 6 13.42 3.89 3.19
N SER A 7 13.95 5.09 2.98
CA SER A 7 13.41 5.94 1.95
C SER A 7 14.48 6.88 1.43
N LEU A 8 14.25 7.37 0.22
CA LEU A 8 15.26 8.10 -0.51
C LEU A 8 14.59 8.99 -1.53
N SER A 9 15.02 10.26 -1.64
CA SER A 9 14.51 11.16 -2.69
C SER A 9 15.60 11.42 -3.71
N ALA A 10 15.23 11.43 -4.98
CA ALA A 10 16.20 11.68 -6.03
C ALA A 10 15.58 12.29 -7.27
N SER A 11 16.44 12.76 -8.17
CA SER A 11 15.96 13.35 -9.39
C SER A 11 16.36 12.50 -10.56
N VAL A 12 15.61 12.62 -11.65
CA VAL A 12 15.98 12.01 -12.92
C VAL A 12 17.44 12.36 -13.25
N GLY A 13 18.24 11.34 -13.57
CA GLY A 13 19.65 11.53 -13.85
C GLY A 13 20.62 11.28 -12.71
N ASP A 14 20.11 11.16 -11.48
CA ASP A 14 20.95 10.88 -10.31
C ASP A 14 21.41 9.43 -10.26
N THR A 15 22.44 9.18 -9.46
CA THR A 15 22.83 7.81 -9.11
C THR A 15 22.46 7.52 -7.67
N VAL A 16 21.71 6.43 -7.47
CA VAL A 16 21.17 6.05 -6.17
C VAL A 16 21.80 4.73 -5.71
N THR A 17 22.09 4.60 -4.42
CA THR A 17 22.57 3.33 -3.89
C THR A 17 21.73 2.86 -2.72
N ILE A 18 21.37 1.56 -2.75
CA ILE A 18 20.57 0.93 -1.71
C ILE A 18 21.37 -0.22 -1.16
N THR A 19 21.36 -0.44 0.16
CA THR A 19 22.21 -1.47 0.72
C THR A 19 21.44 -2.51 1.54
N CYS A 20 21.99 -3.72 1.58
CA CYS A 20 21.38 -4.83 2.30
C CYS A 20 22.49 -5.43 3.14
N ARG A 21 22.27 -5.60 4.45
CA ARG A 21 23.28 -6.25 5.28
C ARG A 21 22.74 -7.56 5.83
N ALA A 22 23.54 -8.61 5.70
CA ALA A 22 23.16 -9.94 6.18
C ALA A 22 24.30 -10.48 7.02
N SER A 23 24.28 -10.23 8.32
CA SER A 23 25.49 -10.40 9.15
C SER A 23 25.99 -11.85 9.28
N GLN A 24 25.12 -12.83 9.03
CA GLN A 24 25.54 -14.23 9.11
C GLN A 24 26.46 -14.65 7.95
N GLY A 25 26.53 -13.82 6.91
CA GLY A 25 27.33 -14.15 5.73
C GLY A 25 26.57 -15.09 4.83
N ILE A 26 26.19 -14.62 3.65
CA ILE A 26 25.32 -15.41 2.75
C ILE A 26 25.95 -15.64 1.37
N SER A 27 27.28 -15.51 1.29
CA SER A 27 27.98 -15.71 0.01
C SER A 27 27.34 -14.79 -1.04
N SER A 28 26.93 -15.30 -2.19
CA SER A 28 26.30 -14.43 -3.22
C SER A 28 24.81 -14.73 -3.39
N TYR A 29 24.16 -15.35 -2.41
CA TYR A 29 22.74 -15.74 -2.57
C TYR A 29 21.80 -14.59 -2.21
N LEU A 30 21.78 -13.57 -3.05
CA LEU A 30 20.92 -12.40 -2.83
C LEU A 30 20.37 -11.89 -4.13
N SER A 31 19.10 -11.51 -4.14
CA SER A 31 18.54 -10.93 -5.34
C SER A 31 17.96 -9.55 -5.02
N TRP A 32 17.76 -8.74 -6.06
CA TRP A 32 17.08 -7.45 -5.90
C TRP A 32 15.79 -7.41 -6.71
N TYR A 33 14.73 -6.90 -6.08
CA TYR A 33 13.43 -6.71 -6.75
C TYR A 33 12.99 -5.24 -6.80
N GLN A 34 12.26 -4.90 -7.86
CA GLN A 34 11.53 -3.64 -7.99
C GLN A 34 10.02 -3.84 -7.87
N GLN A 35 9.32 -2.94 -7.19
CA GLN A 35 7.86 -3.05 -7.16
C GLN A 35 7.22 -1.66 -7.24
N LYS A 36 6.28 -1.52 -8.15
CA LYS A 36 5.45 -0.31 -8.24
C LYS A 36 4.08 -0.53 -7.59
N PRO A 37 3.44 0.56 -7.11
CA PRO A 37 2.15 0.42 -6.43
C PRO A 37 1.09 -0.27 -7.28
N GLY A 38 0.43 -1.25 -6.70
CA GLY A 38 -0.60 -2.00 -7.37
C GLY A 38 -0.06 -3.00 -8.39
N LYS A 39 1.23 -3.30 -8.31
CA LYS A 39 1.83 -4.18 -9.29
C LYS A 39 2.66 -5.30 -8.66
N ALA A 40 2.93 -6.32 -9.46
CA ALA A 40 3.77 -7.44 -9.01
C ALA A 40 5.23 -7.03 -8.96
N PRO A 41 6.02 -7.72 -8.12
CA PRO A 41 7.46 -7.44 -8.10
C PRO A 41 8.12 -7.86 -9.40
N LYS A 42 9.27 -7.28 -9.70
CA LYS A 42 10.08 -7.63 -10.86
C LYS A 42 11.50 -7.96 -10.40
N LEU A 43 12.02 -9.12 -10.77
CA LEU A 43 13.39 -9.47 -10.44
C LEU A 43 14.38 -8.67 -11.29
N LEU A 44 15.26 -7.92 -10.63
CA LEU A 44 16.25 -7.10 -11.34
C LEU A 44 17.58 -7.82 -11.51
N ILE A 45 18.06 -8.36 -10.39
CA ILE A 45 19.41 -8.89 -10.25
C ILE A 45 19.34 -10.14 -9.38
N TYR A 46 20.08 -11.18 -9.73
CA TYR A 46 20.17 -12.35 -8.86
C TYR A 46 21.62 -12.76 -8.71
N ASP A 47 21.89 -13.67 -7.77
CA ASP A 47 23.25 -14.13 -7.45
C ASP A 47 24.19 -12.93 -7.22
N SER A 48 23.61 -11.91 -6.58
CA SER A 48 24.26 -10.67 -6.18
C SER A 48 24.60 -9.72 -7.33
N THR A 49 25.12 -10.26 -8.44
CA THR A 49 25.74 -9.42 -9.45
C THR A 49 25.20 -9.62 -10.88
N THR A 50 24.35 -10.62 -11.08
CA THR A 50 23.84 -10.88 -12.43
C THR A 50 22.56 -10.11 -12.76
N LEU A 51 22.62 -9.35 -13.84
CA LEU A 51 21.47 -8.56 -14.33
C LEU A 51 20.52 -9.44 -15.13
N GLN A 52 19.25 -9.51 -14.75
CA GLN A 52 18.29 -10.28 -15.55
C GLN A 52 18.15 -9.71 -16.95
N GLY A 53 18.06 -10.57 -17.96
CA GLY A 53 17.90 -10.12 -19.33
C GLY A 53 16.68 -9.23 -19.45
N GLY A 54 16.81 -8.16 -20.22
CA GLY A 54 15.69 -7.24 -20.37
C GLY A 54 15.62 -6.12 -19.34
N VAL A 55 16.26 -6.31 -18.18
CA VAL A 55 16.40 -5.23 -17.19
C VAL A 55 17.48 -4.24 -17.65
N PRO A 56 17.21 -2.91 -17.57
CA PRO A 56 18.18 -1.90 -18.05
C PRO A 56 19.56 -1.98 -17.41
N SER A 57 20.58 -1.73 -18.22
CA SER A 57 21.96 -1.77 -17.78
C SER A 57 22.30 -0.78 -16.64
N ARG A 58 21.45 0.21 -16.42
CA ARG A 58 21.77 1.19 -15.38
C ARG A 58 21.64 0.61 -13.96
N PHE A 59 21.06 -0.60 -13.86
CA PHE A 59 21.01 -1.32 -12.59
C PHE A 59 22.24 -2.20 -12.41
N SER A 60 22.84 -2.19 -11.23
CA SER A 60 24.04 -2.98 -10.96
C SER A 60 24.03 -3.46 -9.53
N GLY A 61 24.32 -4.74 -9.34
CA GLY A 61 24.38 -5.30 -8.00
C GLY A 61 25.81 -5.67 -7.66
N SER A 62 26.17 -5.49 -6.40
CA SER A 62 27.51 -5.82 -5.94
C SER A 62 27.48 -6.45 -4.56
N GLY A 63 28.51 -7.20 -4.23
CA GLY A 63 28.68 -7.65 -2.87
C GLY A 63 28.85 -9.14 -2.78
N SER A 64 29.49 -9.58 -1.70
CA SER A 64 29.55 -10.98 -1.33
C SER A 64 29.82 -11.07 0.16
N GLY A 65 29.15 -12.01 0.81
CA GLY A 65 29.32 -12.15 2.24
C GLY A 65 28.23 -11.45 3.01
N THR A 66 28.51 -10.26 3.50
CA THR A 66 27.62 -9.64 4.46
C THR A 66 27.00 -8.34 3.96
N GLU A 67 27.63 -7.67 2.99
CA GLU A 67 27.12 -6.38 2.53
C GLU A 67 26.89 -6.34 1.01
N PHE A 68 25.72 -5.87 0.62
CA PHE A 68 25.28 -5.92 -0.77
C PHE A 68 24.73 -4.57 -1.18
N THR A 69 25.02 -4.15 -2.40
CA THR A 69 24.60 -2.84 -2.87
C THR A 69 23.89 -2.94 -4.19
N LEU A 70 22.76 -2.27 -4.28
CA LEU A 70 22.11 -2.02 -5.56
C LEU A 70 22.42 -0.60 -5.98
N THR A 71 23.04 -0.43 -7.15
CA THR A 71 23.35 0.91 -7.67
C THR A 71 22.45 1.17 -8.87
N ILE A 72 21.65 2.25 -8.82
CA ILE A 72 20.84 2.61 -9.98
C ILE A 72 21.44 3.88 -10.59
N SER A 73 22.04 3.75 -11.77
CA SER A 73 22.72 4.91 -12.37
C SER A 73 21.77 5.69 -13.28
N SER A 74 21.97 7.00 -13.39
CA SER A 74 21.14 7.84 -14.27
C SER A 74 19.64 7.53 -14.19
N LEU A 75 19.09 7.68 -12.99
CA LEU A 75 17.70 7.40 -12.68
C LEU A 75 16.73 7.90 -13.76
N GLN A 76 15.80 7.05 -14.16
CA GLN A 76 14.76 7.40 -15.13
C GLN A 76 13.41 7.49 -14.43
N PRO A 77 12.43 8.16 -15.06
CA PRO A 77 11.11 8.23 -14.39
C PRO A 77 10.52 6.87 -14.04
N GLU A 78 10.75 5.86 -14.86
CA GLU A 78 10.22 4.52 -14.59
C GLU A 78 10.87 3.84 -13.38
N ASP A 79 11.93 4.43 -12.83
CA ASP A 79 12.67 3.84 -11.70
C ASP A 79 12.17 4.24 -10.32
N PHE A 80 11.27 5.21 -10.25
CA PHE A 80 10.73 5.59 -8.96
C PHE A 80 9.75 4.52 -8.52
N ALA A 81 10.10 3.86 -7.43
CA ALA A 81 9.48 2.60 -7.05
C ALA A 81 9.99 2.20 -5.68
N THR A 82 9.52 1.06 -5.17
CA THR A 82 10.13 0.51 -3.96
C THR A 82 11.01 -0.68 -4.37
N TYR A 83 12.13 -0.86 -3.67
CA TYR A 83 13.10 -1.91 -4.00
C TYR A 83 13.27 -2.82 -2.80
N TYR A 84 13.39 -4.12 -3.04
CA TYR A 84 13.58 -5.10 -1.96
C TYR A 84 14.74 -6.02 -2.26
N CYS A 85 15.59 -6.28 -1.27
CA CYS A 85 16.52 -7.40 -1.43
C CYS A 85 15.84 -8.69 -0.96
N GLN A 86 16.39 -9.81 -1.41
CA GLN A 86 15.91 -11.13 -0.99
C GLN A 86 17.10 -12.03 -0.75
N GLN A 87 17.14 -12.66 0.42
CA GLN A 87 18.20 -13.59 0.81
C GLN A 87 17.71 -15.02 0.59
N TYR A 88 18.49 -15.84 -0.12
CA TYR A 88 18.09 -17.23 -0.34
C TYR A 88 19.24 -18.20 -0.12
N GLU A 89 20.11 -17.89 0.84
CA GLU A 89 21.07 -18.91 1.29
C GLU A 89 20.36 -20.01 2.07
N THR A 90 19.50 -19.59 2.98
CA THR A 90 18.74 -20.53 3.81
C THR A 90 17.26 -20.22 3.81
N TYR A 91 16.46 -21.23 4.17
CA TYR A 91 15.06 -21.03 4.51
C TYR A 91 15.01 -20.51 5.93
N PRO A 92 13.99 -19.70 6.27
CA PRO A 92 13.00 -19.17 5.34
C PRO A 92 13.62 -18.11 4.43
N ILE A 93 13.16 -18.05 3.19
CA ILE A 93 13.60 -16.98 2.28
C ILE A 93 13.09 -15.68 2.87
N THR A 94 13.97 -14.68 2.94
CA THR A 94 13.58 -13.44 3.62
C THR A 94 13.85 -12.22 2.77
N PHE A 95 12.91 -11.29 2.81
CA PHE A 95 13.07 -10.00 2.14
C PHE A 95 13.55 -8.92 3.09
N GLY A 96 14.30 -7.96 2.57
CA GLY A 96 14.59 -6.74 3.30
C GLY A 96 13.30 -5.95 3.48
N GLY A 97 13.35 -4.94 4.35
CA GLY A 97 12.16 -4.15 4.66
C GLY A 97 11.70 -3.21 3.57
N GLY A 98 12.54 -2.98 2.56
CA GLY A 98 12.16 -2.17 1.44
C GLY A 98 12.75 -0.76 1.49
N THR A 99 12.99 -0.20 0.32
CA THR A 99 13.46 1.19 0.15
C THR A 99 12.58 1.88 -0.86
N LYS A 100 11.85 2.91 -0.44
CA LYS A 100 11.05 3.67 -1.41
C LYS A 100 11.87 4.84 -1.97
N VAL A 101 11.99 4.90 -3.29
CA VAL A 101 12.63 6.02 -3.97
C VAL A 101 11.58 6.95 -4.52
N ASP A 102 11.49 8.19 -4.01
CA ASP A 102 10.49 9.11 -4.54
C ASP A 102 11.19 10.29 -5.20
N ILE A 103 10.40 11.16 -5.84
CA ILE A 103 10.93 12.24 -6.66
C ILE A 103 11.26 13.49 -5.83
N LYS A 104 12.48 14.00 -5.97
CA LYS A 104 12.88 15.17 -5.21
C LYS A 104 12.27 16.44 -5.81
N ARG A 105 11.83 17.34 -4.93
CA ARG A 105 11.41 18.68 -5.34
C ARG A 105 11.71 19.62 -4.19
N THR A 106 11.45 20.91 -4.38
CA THR A 106 11.67 21.88 -3.33
C THR A 106 10.70 21.67 -2.18
N VAL A 107 11.12 22.09 -0.99
CA VAL A 107 10.27 21.95 0.18
C VAL A 107 8.99 22.76 0.00
N ALA A 108 7.86 22.17 0.37
CA ALA A 108 6.57 22.85 0.30
C ALA A 108 5.76 22.59 1.56
N ALA A 109 5.40 23.67 2.24
CA ALA A 109 4.62 23.56 3.46
C ALA A 109 3.20 23.12 3.16
N PRO A 110 2.61 22.34 4.07
CA PRO A 110 1.21 21.93 3.87
C PRO A 110 0.25 23.09 4.05
N SER A 111 -0.85 23.10 3.30
CA SER A 111 -1.97 23.95 3.64
C SER A 111 -2.85 23.12 4.57
N VAL A 112 -3.17 23.64 5.74
CA VAL A 112 -3.89 22.86 6.74
C VAL A 112 -5.33 23.33 6.90
N PHE A 113 -6.26 22.38 6.92
CA PHE A 113 -7.68 22.67 7.10
C PHE A 113 -8.29 21.72 8.13
N ILE A 114 -9.26 22.22 8.89
CA ILE A 114 -9.94 21.40 9.88
C ILE A 114 -11.45 21.36 9.56
N PHE A 115 -12.07 20.19 9.69
CA PHE A 115 -13.49 20.03 9.36
C PHE A 115 -14.34 19.60 10.56
N PRO A 116 -15.19 20.52 11.06
CA PRO A 116 -16.13 20.21 12.15
C PRO A 116 -17.22 19.26 11.67
N PRO A 117 -17.51 18.19 12.46
CA PRO A 117 -18.53 17.19 12.12
C PRO A 117 -19.90 17.80 11.82
N SER A 118 -20.54 17.33 10.75
CA SER A 118 -21.86 17.80 10.38
C SER A 118 -22.91 17.37 11.40
N ASP A 119 -23.97 18.15 11.51
CA ASP A 119 -25.13 17.83 12.34
C ASP A 119 -25.59 16.39 12.17
N GLU A 120 -25.61 15.94 10.92
CA GLU A 120 -26.11 14.60 10.60
C GLU A 120 -25.17 13.50 11.08
N GLN A 121 -23.91 13.86 11.25
CA GLN A 121 -22.94 12.90 11.74
C GLN A 121 -23.11 12.78 13.25
N LEU A 122 -23.46 13.91 13.87
CA LEU A 122 -23.78 13.97 15.28
C LEU A 122 -25.04 13.20 15.63
N LYS A 123 -25.99 13.20 14.70
CA LYS A 123 -27.22 12.38 14.90
C LYS A 123 -26.85 10.92 14.67
N SER A 124 -25.74 10.70 13.98
CA SER A 124 -25.13 9.41 13.58
C SER A 124 -24.80 8.58 14.82
N GLY A 125 -24.34 9.25 15.87
CA GLY A 125 -23.91 8.63 17.12
C GLY A 125 -22.40 8.43 17.13
N THR A 126 -21.76 8.63 15.97
CA THR A 126 -20.29 8.58 15.85
C THR A 126 -19.84 9.80 15.06
N ALA A 127 -18.90 10.57 15.60
CA ALA A 127 -18.40 11.78 14.94
C ALA A 127 -16.97 11.60 14.50
N SER A 128 -16.63 12.09 13.33
CA SER A 128 -15.26 12.05 12.83
C SER A 128 -14.78 13.46 12.55
N VAL A 129 -13.69 13.83 13.20
CA VAL A 129 -13.10 15.14 12.95
C VAL A 129 -11.93 14.95 12.00
N VAL A 130 -11.95 15.67 10.88
CA VAL A 130 -10.93 15.48 9.85
C VAL A 130 -10.00 16.68 9.76
N CYS A 131 -8.70 16.41 9.79
CA CYS A 131 -7.69 17.42 9.58
C CYS A 131 -6.95 17.12 8.27
N LEU A 132 -6.92 18.09 7.36
CA LEU A 132 -6.29 17.88 6.05
C LEU A 132 -4.96 18.61 5.93
N LEU A 133 -3.91 17.89 5.55
CA LEU A 133 -2.63 18.52 5.18
C LEU A 133 -2.49 18.43 3.68
N ASN A 134 -2.57 19.56 2.99
CA ASN A 134 -2.63 19.52 1.54
C ASN A 134 -1.33 19.94 0.84
N ASN A 135 -0.92 19.12 -0.13
CA ASN A 135 0.15 19.43 -1.08
C ASN A 135 1.47 19.85 -0.43
N PHE A 136 2.08 18.93 0.32
CA PHE A 136 3.36 19.21 0.97
C PHE A 136 4.49 18.30 0.45
N TYR A 137 5.72 18.72 0.75
CA TYR A 137 6.91 17.95 0.45
C TYR A 137 8.01 18.44 1.38
N PRO A 138 8.81 17.53 1.96
CA PRO A 138 8.83 16.07 1.82
C PRO A 138 7.71 15.36 2.56
N ARG A 139 7.72 14.04 2.49
CA ARG A 139 6.66 13.19 3.02
C ARG A 139 6.51 13.28 4.53
N GLU A 140 7.61 13.46 5.22
CA GLU A 140 7.60 13.40 6.68
C GLU A 140 6.77 14.52 7.28
N ALA A 141 5.82 14.17 8.13
CA ALA A 141 4.94 15.14 8.74
C ALA A 141 4.33 14.58 10.01
N LYS A 142 3.96 15.47 10.93
CA LYS A 142 3.47 15.07 12.23
C LYS A 142 2.18 15.80 12.60
N VAL A 143 1.21 15.05 13.11
CA VAL A 143 -0.07 15.60 13.51
C VAL A 143 -0.42 15.20 14.95
N GLN A 144 -0.70 16.20 15.78
CA GLN A 144 -1.18 15.96 17.14
C GLN A 144 -2.60 16.50 17.32
N TRP A 145 -3.41 15.80 18.10
CA TRP A 145 -4.78 16.21 18.36
C TRP A 145 -4.95 16.82 19.76
N LYS A 146 -5.63 17.95 19.83
CA LYS A 146 -5.83 18.66 21.10
C LYS A 146 -7.29 19.00 21.35
N VAL A 147 -7.86 18.46 22.43
CA VAL A 147 -9.23 18.77 22.82
C VAL A 147 -9.22 19.56 24.13
N ASP A 148 -9.96 20.66 24.16
CA ASP A 148 -9.94 21.61 25.26
C ASP A 148 -8.51 22.06 25.56
N ASN A 149 -7.74 22.21 24.48
CA ASN A 149 -6.33 22.56 24.54
C ASN A 149 -5.47 21.50 25.25
N ALA A 150 -6.01 20.29 25.36
CA ALA A 150 -5.30 19.19 25.99
C ALA A 150 -5.03 18.06 25.01
N LEU A 151 -3.84 17.47 25.09
CA LEU A 151 -3.43 16.42 24.17
C LEU A 151 -4.34 15.18 24.22
N GLN A 152 -4.64 14.63 23.05
CA GLN A 152 -5.42 13.39 22.97
C GLN A 152 -4.77 12.38 22.05
N SER A 153 -4.61 11.16 22.55
CA SER A 153 -4.03 10.08 21.76
C SER A 153 -5.00 8.90 21.66
N GLY A 154 -4.77 8.03 20.69
CA GLY A 154 -5.49 6.76 20.62
C GLY A 154 -6.71 6.66 19.71
N ASN A 155 -7.29 7.80 19.34
CA ASN A 155 -8.53 7.78 18.55
C ASN A 155 -8.42 8.49 17.21
N SER A 156 -7.26 8.35 16.57
CA SER A 156 -7.03 8.98 15.27
C SER A 156 -6.41 7.99 14.29
N GLN A 157 -6.58 8.26 13.01
CA GLN A 157 -5.96 7.42 11.98
C GLN A 157 -5.49 8.30 10.82
N GLU A 158 -4.36 7.92 10.22
CA GLU A 158 -3.74 8.71 9.16
C GLU A 158 -3.79 8.00 7.82
N SER A 159 -3.99 8.76 6.75
CA SER A 159 -4.00 8.20 5.43
C SER A 159 -3.31 9.18 4.49
N VAL A 160 -2.49 8.67 3.58
CA VAL A 160 -1.71 9.55 2.71
C VAL A 160 -1.88 9.15 1.25
N THR A 161 -1.82 10.14 0.36
CA THR A 161 -1.89 9.87 -1.08
C THR A 161 -0.52 9.46 -1.61
N GLU A 162 -0.48 8.87 -2.80
CA GLU A 162 0.78 8.69 -3.52
C GLU A 162 1.30 10.06 -3.96
N GLN A 163 2.60 10.15 -4.26
CA GLN A 163 3.16 11.42 -4.73
C GLN A 163 2.41 11.92 -5.96
N ASP A 164 2.01 13.19 -5.95
CA ASP A 164 1.18 13.73 -7.04
C ASP A 164 1.97 13.77 -8.36
N SER A 165 1.35 13.36 -9.45
CA SER A 165 2.08 13.23 -10.71
C SER A 165 2.37 14.60 -11.34
N LYS A 166 1.60 15.61 -10.98
CA LYS A 166 1.81 16.94 -11.53
C LYS A 166 2.83 17.76 -10.73
N ASP A 167 2.62 17.86 -9.41
CA ASP A 167 3.47 18.75 -8.61
C ASP A 167 4.35 18.01 -7.58
N SER A 168 4.35 16.68 -7.65
CA SER A 168 5.24 15.85 -6.84
C SER A 168 5.09 16.10 -5.33
N THR A 169 3.89 16.48 -4.92
CA THR A 169 3.61 16.62 -3.49
C THR A 169 2.78 15.46 -2.92
N TYR A 170 2.67 15.46 -1.58
CA TYR A 170 1.80 14.54 -0.84
C TYR A 170 0.64 15.28 -0.22
N SER A 171 -0.44 14.55 0.07
CA SER A 171 -1.49 15.10 0.92
C SER A 171 -1.85 14.05 1.95
N LEU A 172 -2.30 14.49 3.11
CA LEU A 172 -2.55 13.56 4.21
C LEU A 172 -3.83 13.91 4.95
N SER A 173 -4.58 12.89 5.34
CA SER A 173 -5.74 13.10 6.19
C SER A 173 -5.47 12.50 7.56
N SER A 174 -5.87 13.22 8.61
CA SER A 174 -5.87 12.68 9.95
C SER A 174 -7.29 12.74 10.46
N THR A 175 -7.83 11.60 10.88
CA THR A 175 -9.23 11.51 11.27
C THR A 175 -9.40 11.13 12.74
N LEU A 176 -9.99 12.03 13.51
CA LEU A 176 -10.27 11.77 14.92
C LEU A 176 -11.70 11.26 15.08
N THR A 177 -11.84 10.04 15.58
CA THR A 177 -13.16 9.41 15.65
C THR A 177 -13.64 9.21 17.09
N LEU A 178 -14.73 9.89 17.44
CA LEU A 178 -15.27 9.82 18.82
C LEU A 178 -16.77 9.53 18.79
N SER A 179 -17.31 9.09 19.93
CA SER A 179 -18.76 8.88 20.11
C SER A 179 -19.43 10.25 20.22
N LYS A 180 -20.71 10.32 19.90
CA LYS A 180 -21.38 11.64 19.98
C LYS A 180 -21.32 12.17 21.41
N ALA A 181 -21.55 11.32 22.42
CA ALA A 181 -21.58 11.82 23.81
C ALA A 181 -20.21 12.41 24.14
N ASP A 182 -19.18 11.65 23.84
CA ASP A 182 -17.80 12.08 23.96
C ASP A 182 -17.46 13.26 23.05
N TYR A 183 -18.00 13.30 21.82
CA TYR A 183 -17.62 14.34 20.86
C TYR A 183 -17.70 15.73 21.48
N GLU A 184 -18.75 16.02 22.23
CA GLU A 184 -18.71 17.29 22.94
C GLU A 184 -19.13 17.23 24.41
N LYS A 185 -18.29 16.54 25.17
CA LYS A 185 -18.11 16.77 26.61
C LYS A 185 -17.08 17.90 26.69
N HIS A 186 -16.58 18.17 25.48
CA HIS A 186 -15.49 19.06 25.11
C HIS A 186 -15.98 20.36 24.49
N LYS A 187 -15.11 21.35 24.31
CA LYS A 187 -15.57 22.56 23.64
C LYS A 187 -14.72 22.85 22.40
N VAL A 188 -13.42 23.08 22.58
CA VAL A 188 -12.55 23.42 21.45
C VAL A 188 -11.75 22.23 20.94
N TYR A 189 -11.71 22.08 19.61
CA TYR A 189 -10.96 21.01 18.95
C TYR A 189 -9.87 21.58 18.05
N ALA A 190 -8.71 20.95 18.05
CA ALA A 190 -7.58 21.47 17.26
C ALA A 190 -6.65 20.35 16.76
N CYS A 191 -5.98 20.61 15.65
CA CYS A 191 -4.89 19.75 15.20
C CYS A 191 -3.65 20.62 14.94
N GLU A 192 -2.51 20.19 15.48
CA GLU A 192 -1.27 20.92 15.25
C GLU A 192 -0.38 20.14 14.28
N VAL A 193 0.11 20.83 13.27
CA VAL A 193 0.87 20.20 12.21
C VAL A 193 2.34 20.61 12.26
N THR A 194 3.22 19.62 12.24
CA THR A 194 4.65 19.87 12.22
C THR A 194 5.24 19.39 10.89
N HIS A 195 5.98 20.28 10.25
CA HIS A 195 6.58 19.97 8.96
C HIS A 195 7.78 20.88 8.71
N GLN A 196 8.76 20.37 7.96
CA GLN A 196 9.98 21.11 7.65
C GLN A 196 9.72 22.46 6.99
N GLY A 197 8.63 22.58 6.26
CA GLY A 197 8.28 23.82 5.59
C GLY A 197 7.62 24.86 6.48
N LEU A 198 7.38 24.52 7.74
CA LEU A 198 6.83 25.46 8.71
C LEU A 198 7.88 25.92 9.72
N SER A 199 8.00 27.24 9.88
CA SER A 199 8.94 27.83 10.84
C SER A 199 8.51 27.55 12.28
N SER A 200 7.27 27.11 12.44
CA SER A 200 6.70 26.76 13.73
C SER A 200 5.41 25.98 13.48
N PRO A 201 5.09 25.00 14.35
CA PRO A 201 3.88 24.18 14.21
C PRO A 201 2.61 24.98 14.01
N VAL A 202 1.86 24.68 12.95
CA VAL A 202 0.61 25.38 12.66
C VAL A 202 -0.58 24.64 13.29
N THR A 203 -1.44 25.40 13.98
CA THR A 203 -2.64 24.83 14.57
C THR A 203 -3.89 25.45 13.94
N LYS A 204 -4.82 24.57 13.54
CA LYS A 204 -6.14 24.98 13.10
C LYS A 204 -7.14 24.41 14.09
N SER A 205 -8.15 25.19 14.44
CA SER A 205 -9.06 24.78 15.50
C SER A 205 -10.49 25.27 15.32
N PHE A 206 -11.39 24.62 16.04
CA PHE A 206 -12.78 25.07 16.11
C PHE A 206 -13.39 24.74 17.47
N ASN A 207 -14.53 25.35 17.74
CA ASN A 207 -15.36 25.04 18.91
C ASN A 207 -16.80 25.34 18.56
N ARG A 208 -17.72 24.54 19.14
CA ARG A 208 -19.20 24.69 19.21
C ARG A 208 -19.84 23.31 19.25
N GLN B 1 0.93 -16.45 -19.34
CA GLN B 1 1.59 -16.04 -18.10
C GLN B 1 0.81 -16.54 -16.89
N LEU B 2 1.05 -15.95 -15.72
CA LEU B 2 0.42 -16.43 -14.49
C LEU B 2 -0.79 -15.60 -14.10
N GLN B 3 -1.83 -16.28 -13.62
CA GLN B 3 -3.03 -15.62 -13.14
C GLN B 3 -3.54 -16.25 -11.86
N GLU B 4 -3.63 -15.45 -10.80
CA GLU B 4 -4.17 -15.90 -9.52
C GLU B 4 -5.69 -15.76 -9.50
N SER B 5 -6.37 -16.75 -8.95
CA SER B 5 -7.81 -16.62 -8.75
C SER B 5 -8.24 -17.26 -7.42
N GLY B 6 -9.38 -16.80 -6.90
CA GLY B 6 -9.91 -17.24 -5.63
C GLY B 6 -10.59 -16.06 -4.95
N PRO B 7 -11.42 -16.32 -3.94
CA PRO B 7 -12.28 -15.29 -3.31
C PRO B 7 -11.51 -14.08 -2.76
N GLY B 8 -12.20 -12.94 -2.68
CA GLY B 8 -11.61 -11.70 -2.18
C GLY B 8 -11.85 -11.47 -0.70
N VAL B 9 -12.90 -12.08 -0.14
CA VAL B 9 -13.18 -11.96 1.28
C VAL B 9 -13.15 -13.36 1.92
N VAL B 10 -12.55 -13.47 3.10
CA VAL B 10 -12.56 -14.75 3.85
C VAL B 10 -12.99 -14.48 5.28
N LYS B 11 -13.91 -15.27 5.84
CA LYS B 11 -14.31 -15.00 7.21
C LYS B 11 -13.22 -15.46 8.18
N PRO B 12 -13.11 -14.80 9.33
CA PRO B 12 -12.12 -15.21 10.33
C PRO B 12 -12.24 -16.69 10.72
N SER B 13 -11.10 -17.34 10.86
CA SER B 13 -10.94 -18.77 11.17
C SER B 13 -11.29 -19.74 10.05
N GLU B 14 -11.81 -19.24 8.94
CA GLU B 14 -12.02 -20.10 7.75
C GLU B 14 -10.74 -20.21 6.91
N THR B 15 -10.81 -20.89 5.77
CA THR B 15 -9.61 -21.23 5.01
C THR B 15 -9.52 -20.40 3.73
N LEU B 16 -8.34 -19.83 3.49
CA LEU B 16 -8.06 -19.14 2.24
C LEU B 16 -7.58 -20.15 1.19
N SER B 17 -8.18 -20.12 0.00
CA SER B 17 -7.75 -21.00 -1.10
C SER B 17 -7.49 -20.20 -2.38
N LEU B 18 -6.26 -20.25 -2.89
CA LEU B 18 -5.90 -19.54 -4.12
C LEU B 18 -5.31 -20.48 -5.15
N THR B 19 -5.53 -20.20 -6.42
CA THR B 19 -4.95 -21.01 -7.49
C THR B 19 -4.21 -20.15 -8.49
N CYS B 20 -3.07 -20.65 -8.94
CA CYS B 20 -2.28 -19.96 -9.94
C CYS B 20 -2.41 -20.72 -11.24
N ALA B 21 -3.19 -20.15 -12.17
CA ALA B 21 -3.41 -20.75 -13.48
C ALA B 21 -2.28 -20.38 -14.43
N VAL B 22 -1.74 -21.37 -15.12
CA VAL B 22 -0.57 -21.18 -15.96
C VAL B 22 -0.92 -21.26 -17.45
N SER B 23 -0.63 -20.19 -18.18
CA SER B 23 -0.95 -20.10 -19.61
C SER B 23 0.28 -20.32 -20.48
N GLY B 24 0.12 -21.10 -21.54
CA GLY B 24 1.18 -21.32 -22.52
C GLY B 24 2.46 -21.88 -21.94
N GLY B 25 2.39 -23.08 -21.39
CA GLY B 25 3.54 -23.71 -20.76
C GLY B 25 3.08 -24.56 -19.60
N THR B 26 3.95 -25.45 -19.13
CA THR B 26 3.59 -26.38 -18.07
C THR B 26 4.41 -26.16 -16.81
N ILE B 27 3.82 -26.47 -15.66
CA ILE B 27 4.50 -26.30 -14.38
C ILE B 27 5.72 -27.22 -14.27
N SER B 28 5.67 -28.40 -14.88
CA SER B 28 6.78 -29.34 -14.73
C SER B 28 8.03 -29.03 -15.58
N SER B 29 7.94 -28.07 -16.51
CA SER B 29 9.04 -27.87 -17.45
C SER B 29 10.23 -27.12 -16.84
N GLY B 30 11.42 -27.45 -17.33
CA GLY B 30 12.63 -26.74 -16.97
C GLY B 30 13.03 -26.87 -15.51
N TYR B 31 13.71 -25.82 -15.05
CA TYR B 31 14.26 -25.74 -13.72
C TYR B 31 13.73 -24.46 -13.11
N TYR B 32 12.53 -24.51 -12.54
CA TYR B 32 11.88 -23.31 -12.00
C TYR B 32 11.49 -23.46 -10.55
N TYR B 33 11.67 -22.38 -9.80
CA TYR B 33 11.17 -22.28 -8.44
C TYR B 33 9.81 -21.58 -8.47
N TRP B 34 8.79 -22.29 -8.04
CA TRP B 34 7.41 -21.81 -8.01
C TRP B 34 7.06 -21.40 -6.58
N SER B 35 6.66 -20.15 -6.36
CA SER B 35 6.43 -19.72 -4.99
C SER B 35 5.24 -18.79 -4.82
N TRP B 36 4.83 -18.62 -3.56
CA TRP B 36 3.79 -17.68 -3.18
C TRP B 36 4.42 -16.68 -2.23
N ILE B 37 4.12 -15.40 -2.41
CA ILE B 37 4.55 -14.37 -1.46
C ILE B 37 3.34 -13.50 -1.16
N ARG B 38 3.41 -12.69 -0.12
CA ARG B 38 2.28 -11.78 0.11
C ARG B 38 2.75 -10.44 0.64
N GLN B 39 1.84 -9.49 0.64
CA GLN B 39 2.16 -8.13 1.04
C GLN B 39 0.96 -7.52 1.76
N PRO B 40 1.02 -7.47 3.09
CA PRO B 40 -0.06 -6.83 3.85
C PRO B 40 -0.15 -5.36 3.48
N PRO B 41 -1.34 -4.77 3.59
CA PRO B 41 -1.50 -3.34 3.29
C PRO B 41 -0.46 -2.47 4.00
N GLY B 42 0.27 -1.70 3.21
CA GLY B 42 1.29 -0.81 3.73
C GLY B 42 2.60 -1.44 4.18
N LYS B 43 2.74 -2.76 4.04
CA LYS B 43 3.95 -3.41 4.53
C LYS B 43 4.82 -4.00 3.41
N GLY B 44 5.90 -4.66 3.78
CA GLY B 44 6.81 -5.24 2.79
C GLY B 44 6.37 -6.61 2.30
N LEU B 45 7.14 -7.18 1.39
CA LEU B 45 6.95 -8.56 0.91
C LEU B 45 7.32 -9.60 1.95
N GLU B 46 6.54 -10.69 2.00
CA GLU B 46 6.79 -11.81 2.88
C GLU B 46 6.69 -13.10 2.06
N TRP B 47 7.70 -13.94 2.13
CA TRP B 47 7.66 -15.26 1.48
C TRP B 47 6.76 -16.23 2.24
N ILE B 48 5.89 -16.94 1.51
CA ILE B 48 4.99 -17.94 2.11
C ILE B 48 5.56 -19.35 1.99
N GLY B 49 5.95 -19.72 0.77
CA GLY B 49 6.48 -21.04 0.55
C GLY B 49 6.68 -21.31 -0.93
N GLY B 50 7.24 -22.47 -1.25
CA GLY B 50 7.44 -22.76 -2.65
C GLY B 50 7.88 -24.19 -2.92
N THR B 51 7.94 -24.51 -4.21
CA THR B 51 8.33 -25.84 -4.65
C THR B 51 8.98 -25.72 -6.02
N TYR B 52 9.30 -26.84 -6.66
CA TYR B 52 10.07 -26.81 -7.90
C TYR B 52 9.32 -27.52 -9.02
N SER B 53 9.66 -27.12 -10.24
CA SER B 53 9.13 -27.75 -11.45
C SER B 53 9.44 -29.26 -11.49
N ASN B 54 10.62 -29.66 -11.04
CA ASN B 54 11.09 -31.03 -11.26
C ASN B 54 11.11 -31.94 -10.02
N ARG B 55 10.58 -31.49 -8.88
CA ARG B 55 10.49 -32.39 -7.74
C ARG B 55 9.44 -31.92 -6.74
N GLU B 56 9.07 -32.79 -5.81
CA GLU B 56 7.92 -32.53 -4.94
C GLU B 56 8.25 -31.60 -3.77
N SER B 57 9.54 -31.45 -3.49
CA SER B 57 10.03 -30.76 -2.29
C SER B 57 9.33 -29.42 -2.08
N THR B 58 8.78 -29.22 -0.89
CA THR B 58 8.03 -28.01 -0.58
C THR B 58 8.45 -27.48 0.80
N ASN B 59 8.70 -26.18 0.88
CA ASN B 59 9.10 -25.55 2.12
C ASN B 59 8.23 -24.34 2.42
N TYR B 60 8.08 -24.01 3.70
CA TYR B 60 7.14 -23.00 4.13
C TYR B 60 7.73 -22.07 5.17
N ASN B 61 7.18 -20.85 5.23
CA ASN B 61 7.55 -19.91 6.26
C ASN B 61 7.03 -20.39 7.63
N PRO B 62 7.93 -20.51 8.63
CA PRO B 62 7.54 -20.93 9.97
C PRO B 62 6.60 -19.95 10.67
N SER B 63 6.56 -18.70 10.22
CA SER B 63 5.65 -17.70 10.80
C SER B 63 4.20 -18.06 10.58
N LEU B 64 3.95 -18.99 9.66
CA LEU B 64 2.58 -19.37 9.34
C LEU B 64 2.10 -20.51 10.19
N LYS B 65 2.98 -20.99 11.08
CA LYS B 65 2.60 -21.94 12.12
C LYS B 65 1.84 -23.15 11.59
N SER B 66 2.36 -23.78 10.53
CA SER B 66 1.78 -25.02 10.00
C SER B 66 0.35 -24.95 9.45
N ARG B 67 -0.11 -23.75 9.06
CA ARG B 67 -1.46 -23.56 8.55
C ARG B 67 -1.52 -23.65 7.03
N VAL B 68 -0.35 -23.78 6.41
CA VAL B 68 -0.24 -23.58 4.97
C VAL B 68 0.10 -24.87 4.21
N THR B 69 -0.54 -25.02 3.04
CA THR B 69 -0.26 -26.12 2.12
C THR B 69 -0.15 -25.57 0.71
N ILE B 70 0.91 -25.95 0.01
CA ILE B 70 1.11 -25.55 -1.37
C ILE B 70 1.23 -26.80 -2.22
N SER B 71 0.55 -26.84 -3.35
CA SER B 71 0.65 -28.03 -4.20
C SER B 71 0.67 -27.75 -5.69
N LYS B 72 1.24 -28.68 -6.44
CA LYS B 72 1.24 -28.68 -7.91
C LYS B 72 0.23 -29.69 -8.43
N ASP B 73 -0.48 -29.34 -9.48
CA ASP B 73 -1.35 -30.29 -10.19
C ASP B 73 -0.96 -30.31 -11.67
N THR B 74 -0.17 -31.30 -12.07
CA THR B 74 0.33 -31.37 -13.44
C THR B 74 -0.79 -31.68 -14.43
N SER B 75 -1.91 -32.20 -13.93
CA SER B 75 -3.06 -32.49 -14.78
C SER B 75 -3.72 -31.20 -15.22
N LYS B 76 -4.19 -30.41 -14.25
CA LYS B 76 -4.83 -29.13 -14.52
C LYS B 76 -3.82 -28.03 -14.85
N ASN B 77 -2.54 -28.34 -14.67
CA ASN B 77 -1.47 -27.35 -14.83
C ASN B 77 -1.69 -26.17 -13.91
N GLN B 78 -1.95 -26.48 -12.64
CA GLN B 78 -2.29 -25.44 -11.65
C GLN B 78 -1.40 -25.53 -10.41
N PHE B 79 -1.18 -24.36 -9.80
CA PHE B 79 -0.31 -24.18 -8.65
C PHE B 79 -1.21 -23.61 -7.55
N SER B 80 -1.31 -24.26 -6.39
CA SER B 80 -2.32 -23.77 -5.45
C SER B 80 -1.79 -23.49 -4.04
N LEU B 81 -2.51 -22.64 -3.34
CA LEU B 81 -2.19 -22.26 -1.98
C LEU B 81 -3.43 -22.42 -1.09
N LYS B 82 -3.28 -23.11 0.04
CA LYS B 82 -4.33 -23.12 1.05
C LYS B 82 -3.77 -22.65 2.39
N LEU B 83 -4.50 -21.75 3.05
CA LEU B 83 -4.07 -21.22 4.34
C LEU B 83 -5.22 -21.35 5.35
N LYS B 84 -5.06 -22.21 6.35
CA LYS B 84 -6.13 -22.44 7.33
C LYS B 84 -6.23 -21.38 8.41
N SER B 85 -7.39 -21.32 9.08
CA SER B 85 -7.54 -20.57 10.34
C SER B 85 -7.04 -19.12 10.23
N VAL B 86 -7.58 -18.46 9.24
CA VAL B 86 -7.21 -17.12 8.87
C VAL B 86 -7.58 -16.04 9.94
N THR B 87 -6.70 -15.05 10.14
CA THR B 87 -7.02 -13.90 10.99
C THR B 87 -6.72 -12.61 10.23
N ALA B 88 -6.90 -11.47 10.89
CA ALA B 88 -6.67 -10.17 10.25
C ALA B 88 -5.22 -10.04 9.79
N ALA B 89 -4.32 -10.76 10.44
CA ALA B 89 -2.91 -10.76 10.06
C ALA B 89 -2.66 -11.35 8.67
N ASP B 90 -3.64 -12.06 8.14
CA ASP B 90 -3.52 -12.69 6.83
C ASP B 90 -4.11 -11.86 5.69
N THR B 91 -4.71 -10.71 6.04
CA THR B 91 -5.12 -9.74 5.04
C THR B 91 -3.89 -9.22 4.30
N ALA B 92 -3.91 -9.37 2.98
CA ALA B 92 -2.73 -9.08 2.16
C ALA B 92 -3.03 -9.24 0.69
N VAL B 93 -2.15 -8.70 -0.14
CA VAL B 93 -2.18 -9.06 -1.55
C VAL B 93 -1.27 -10.27 -1.71
N TYR B 94 -1.80 -11.31 -2.35
CA TYR B 94 -1.06 -12.56 -2.57
C TYR B 94 -0.60 -12.66 -4.02
N PHE B 95 0.66 -13.06 -4.22
CA PHE B 95 1.21 -13.21 -5.56
C PHE B 95 1.77 -14.60 -5.76
N CYS B 96 1.60 -15.14 -6.96
CA CYS B 96 2.30 -16.37 -7.31
C CYS B 96 3.38 -16.05 -8.37
N GLY B 97 4.48 -16.81 -8.32
CA GLY B 97 5.57 -16.58 -9.24
C GLY B 97 6.36 -17.82 -9.59
N ARG B 98 7.13 -17.70 -10.66
CA ARG B 98 7.95 -18.76 -11.20
C ARG B 98 9.26 -18.14 -11.66
N GLU B 99 10.38 -18.61 -11.14
CA GLU B 99 11.69 -18.01 -11.46
C GLU B 99 12.67 -19.15 -11.70
N GLY B 100 13.41 -19.08 -12.81
CA GLY B 100 14.30 -20.19 -13.12
C GLY B 100 14.71 -20.16 -14.58
N SER B 101 15.01 -21.34 -15.13
CA SER B 101 15.54 -21.41 -16.50
C SER B 101 15.09 -22.68 -17.19
N GLY B 102 14.93 -22.63 -18.50
CA GLY B 102 14.62 -23.82 -19.29
C GLY B 102 15.83 -24.72 -19.49
N THR B 103 17.00 -24.17 -19.18
CA THR B 103 18.30 -24.75 -19.47
C THR B 103 19.07 -24.98 -18.17
N TRP B 104 19.80 -26.10 -18.05
CA TRP B 104 20.61 -26.32 -16.84
C TRP B 104 21.75 -25.30 -16.76
N LYS B 105 21.78 -24.59 -15.63
CA LYS B 105 22.67 -23.45 -15.43
C LYS B 105 22.51 -22.36 -16.51
N GLY B 106 21.33 -22.28 -17.10
CA GLY B 106 21.03 -21.18 -18.00
C GLY B 106 20.69 -19.89 -17.26
N ALA B 107 20.56 -18.79 -18.00
CA ALA B 107 20.13 -17.50 -17.44
C ALA B 107 18.73 -17.64 -16.85
N LEU B 108 18.44 -16.86 -15.81
CA LEU B 108 17.14 -16.94 -15.15
C LEU B 108 16.16 -15.89 -15.65
N ASP B 109 14.87 -16.25 -15.61
CA ASP B 109 13.78 -15.34 -15.93
C ASP B 109 12.69 -15.47 -14.87
N ASP B 110 12.00 -14.38 -14.57
CA ASP B 110 10.90 -14.38 -13.61
C ASP B 110 9.56 -14.09 -14.27
N SER B 111 8.49 -14.66 -13.72
CA SER B 111 7.14 -14.25 -14.05
C SER B 111 6.32 -14.22 -12.76
N TRP B 112 5.66 -13.10 -12.51
CA TRP B 112 4.84 -12.92 -11.33
C TRP B 112 3.43 -12.51 -11.74
N GLY B 113 2.44 -13.21 -11.23
CA GLY B 113 1.04 -12.93 -11.51
C GLY B 113 0.63 -11.59 -10.90
N GLN B 114 -0.52 -11.07 -11.32
CA GLN B 114 -0.91 -9.69 -10.98
C GLN B 114 -1.09 -9.40 -9.48
N GLY B 115 -1.56 -10.39 -8.73
CA GLY B 115 -1.76 -10.18 -7.30
C GLY B 115 -3.25 -10.10 -6.97
N VAL B 116 -3.68 -10.82 -5.94
CA VAL B 116 -5.08 -10.78 -5.51
C VAL B 116 -5.20 -10.35 -4.05
N LEU B 117 -6.02 -9.34 -3.80
CA LEU B 117 -6.22 -8.87 -2.43
C LEU B 117 -7.19 -9.82 -1.71
N VAL B 118 -6.78 -10.31 -0.56
CA VAL B 118 -7.63 -11.14 0.28
C VAL B 118 -7.85 -10.40 1.57
N THR B 119 -9.11 -10.16 1.90
CA THR B 119 -9.42 -9.45 3.12
C THR B 119 -10.13 -10.38 4.07
N VAL B 120 -9.65 -10.44 5.30
CA VAL B 120 -10.27 -11.27 6.33
C VAL B 120 -11.24 -10.42 7.13
N SER B 121 -12.53 -10.76 7.03
CA SER B 121 -13.58 -9.95 7.65
C SER B 121 -14.85 -10.75 7.86
N SER B 122 -15.53 -10.49 8.97
CA SER B 122 -16.85 -11.09 9.19
C SER B 122 -17.99 -10.24 8.62
N ALA B 123 -17.66 -9.07 8.09
CA ALA B 123 -18.69 -8.14 7.60
C ALA B 123 -19.43 -8.62 6.37
N SER B 124 -20.70 -8.20 6.24
CA SER B 124 -21.47 -8.46 5.02
C SER B 124 -21.42 -7.24 4.10
N THR B 125 -21.70 -7.45 2.81
CA THR B 125 -21.78 -6.36 1.83
C THR B 125 -22.72 -5.27 2.32
N LYS B 126 -22.26 -4.02 2.33
CA LYS B 126 -23.01 -2.90 2.87
C LYS B 126 -22.64 -1.61 2.14
N GLY B 127 -23.64 -0.88 1.66
CA GLY B 127 -23.36 0.40 1.03
C GLY B 127 -23.03 1.49 2.04
N PRO B 128 -22.38 2.56 1.58
CA PRO B 128 -21.83 3.61 2.45
C PRO B 128 -22.81 4.68 2.93
N SER B 129 -22.44 5.32 4.04
CA SER B 129 -22.98 6.59 4.46
C SER B 129 -22.02 7.67 4.03
N VAL B 130 -22.55 8.80 3.56
CA VAL B 130 -21.69 9.91 3.10
C VAL B 130 -22.00 11.21 3.83
N PHE B 131 -20.95 11.82 4.41
CA PHE B 131 -21.10 13.04 5.15
C PHE B 131 -20.26 14.17 4.55
N PRO B 132 -20.90 15.32 4.24
CA PRO B 132 -20.18 16.47 3.69
C PRO B 132 -19.22 17.08 4.70
N LEU B 133 -18.04 17.47 4.22
CA LEU B 133 -17.06 18.17 5.05
C LEU B 133 -16.96 19.62 4.59
N ALA B 134 -17.60 20.52 5.34
CA ALA B 134 -17.60 21.93 4.98
C ALA B 134 -16.58 22.70 5.81
N PRO B 135 -15.96 23.72 5.21
CA PRO B 135 -15.03 24.53 6.00
C PRO B 135 -15.82 25.37 7.00
N SER B 136 -15.25 25.69 8.14
CA SER B 136 -15.91 26.61 9.04
C SER B 136 -15.01 27.82 9.29
N GLY B 137 -8.00 32.78 0.37
CA GLY B 137 -7.68 32.63 -1.04
C GLY B 137 -8.14 31.29 -1.59
N THR B 138 -7.76 30.23 -0.89
CA THR B 138 -8.15 28.87 -1.28
C THR B 138 -8.92 28.19 -0.17
N ALA B 139 -9.98 27.47 -0.55
CA ALA B 139 -10.80 26.76 0.42
C ALA B 139 -10.79 25.27 0.12
N ALA B 140 -10.99 24.46 1.16
CA ALA B 140 -11.06 23.01 1.00
C ALA B 140 -12.44 22.51 1.38
N LEU B 141 -12.98 21.63 0.54
CA LEU B 141 -14.25 20.95 0.78
C LEU B 141 -14.00 19.45 0.77
N GLY B 142 -14.88 18.68 1.40
CA GLY B 142 -14.69 17.25 1.40
C GLY B 142 -15.94 16.43 1.58
N CYS B 143 -15.79 15.11 1.44
CA CYS B 143 -16.83 14.16 1.81
C CYS B 143 -16.22 12.99 2.56
N LEU B 144 -16.85 12.63 3.67
CA LEU B 144 -16.49 11.45 4.41
C LEU B 144 -17.37 10.28 3.98
N VAL B 145 -16.75 9.18 3.59
CA VAL B 145 -17.46 8.00 3.11
C VAL B 145 -17.18 6.85 4.05
N LYS B 146 -18.18 6.37 4.77
CA LYS B 146 -17.87 5.36 5.78
C LYS B 146 -18.94 4.29 5.93
N ASP B 147 -18.60 3.28 6.73
CA ASP B 147 -19.46 2.14 7.03
C ASP B 147 -19.87 1.34 5.79
N TYR B 148 -18.91 1.08 4.91
CA TYR B 148 -19.18 0.25 3.74
C TYR B 148 -18.26 -0.96 3.71
N PHE B 149 -18.65 -1.95 2.91
CA PHE B 149 -17.89 -3.18 2.71
C PHE B 149 -18.45 -3.93 1.51
N PRO B 150 -17.57 -4.51 0.69
CA PRO B 150 -16.11 -4.44 0.76
C PRO B 150 -15.57 -3.25 -0.02
N GLU B 151 -14.28 -3.24 -0.32
CA GLU B 151 -13.71 -2.26 -1.22
C GLU B 151 -14.05 -2.67 -2.64
N PRO B 152 -14.03 -1.72 -3.58
CA PRO B 152 -13.76 -0.29 -3.38
C PRO B 152 -14.98 0.61 -3.52
N VAL B 153 -14.85 1.86 -3.08
CA VAL B 153 -15.75 2.92 -3.56
C VAL B 153 -14.94 3.83 -4.47
N THR B 154 -15.61 4.45 -5.43
CA THR B 154 -14.98 5.50 -6.20
C THR B 154 -15.69 6.80 -5.89
N VAL B 155 -14.94 7.90 -5.90
CA VAL B 155 -15.50 9.19 -5.59
C VAL B 155 -15.15 10.14 -6.73
N SER B 156 -16.13 10.87 -7.22
CA SER B 156 -15.86 11.97 -8.15
C SER B 156 -16.53 13.22 -7.64
N TRP B 157 -16.25 14.34 -8.30
CA TRP B 157 -16.84 15.62 -7.94
C TRP B 157 -17.55 16.25 -9.12
N ASN B 158 -18.74 16.81 -8.88
CA ASN B 158 -19.56 17.41 -9.93
C ASN B 158 -19.69 16.53 -11.16
N SER B 159 -20.05 15.26 -10.94
CA SER B 159 -20.25 14.28 -12.00
C SER B 159 -19.02 14.06 -12.89
N GLY B 160 -17.83 14.27 -12.32
CA GLY B 160 -16.60 14.10 -13.06
C GLY B 160 -16.09 15.39 -13.68
N ALA B 161 -16.91 16.43 -13.64
CA ALA B 161 -16.54 17.73 -14.23
C ALA B 161 -15.40 18.42 -13.48
N LEU B 162 -15.24 18.10 -12.20
CA LEU B 162 -14.21 18.72 -11.35
C LEU B 162 -13.14 17.71 -10.97
N THR B 163 -11.93 17.89 -11.50
CA THR B 163 -10.87 16.91 -11.24
C THR B 163 -9.64 17.56 -10.64
N SER B 164 -9.38 18.81 -11.02
CA SER B 164 -8.22 19.52 -10.50
C SER B 164 -8.34 19.75 -9.00
N GLY B 165 -7.28 19.44 -8.27
CA GLY B 165 -7.24 19.72 -6.84
C GLY B 165 -7.92 18.67 -5.97
N VAL B 166 -8.41 17.60 -6.57
CA VAL B 166 -9.07 16.51 -5.81
C VAL B 166 -8.06 15.52 -5.25
N HIS B 167 -8.21 15.16 -3.98
CA HIS B 167 -7.49 14.03 -3.39
C HIS B 167 -8.46 13.06 -2.71
N THR B 168 -8.46 11.82 -3.18
CA THR B 168 -9.23 10.77 -2.52
C THR B 168 -8.25 9.82 -1.83
N PHE B 169 -8.38 9.73 -0.51
CA PHE B 169 -7.44 9.00 0.33
C PHE B 169 -7.74 7.51 0.36
N PRO B 170 -6.71 6.69 0.61
CA PRO B 170 -6.89 5.25 0.84
C PRO B 170 -7.83 5.00 2.02
N ALA B 171 -8.73 4.03 1.88
CA ALA B 171 -9.63 3.72 2.98
C ALA B 171 -8.92 2.94 4.10
N VAL B 172 -9.34 3.20 5.33
CA VAL B 172 -8.79 2.53 6.55
C VAL B 172 -9.92 1.85 7.31
N LEU B 173 -9.63 0.64 7.83
CA LEU B 173 -10.61 -0.19 8.57
C LEU B 173 -10.86 0.38 9.94
N GLN B 174 -12.13 0.42 10.33
CA GLN B 174 -12.49 0.82 11.71
C GLN B 174 -12.60 -0.45 12.55
N SER B 175 -13.08 -0.33 13.79
CA SER B 175 -13.26 -1.53 14.67
C SER B 175 -14.24 -2.53 14.03
N SER B 176 -15.28 -2.01 13.36
CA SER B 176 -16.43 -2.66 12.72
C SER B 176 -16.06 -3.75 11.69
N GLY B 177 -15.00 -3.54 10.94
CA GLY B 177 -14.75 -4.47 9.83
C GLY B 177 -15.28 -3.88 8.53
N LEU B 178 -15.67 -2.61 8.58
CA LEU B 178 -16.18 -1.84 7.43
C LEU B 178 -15.18 -0.71 7.14
N TYR B 179 -15.07 -0.28 5.89
CA TYR B 179 -14.09 0.77 5.49
C TYR B 179 -14.57 2.21 5.72
N SER B 180 -13.60 3.12 5.80
CA SER B 180 -13.87 4.57 5.92
C SER B 180 -12.83 5.32 5.10
N LEU B 181 -13.24 6.38 4.44
CA LEU B 181 -12.27 7.24 3.73
C LEU B 181 -12.81 8.64 3.55
N SER B 182 -11.93 9.56 3.15
CA SER B 182 -12.33 10.92 2.82
C SER B 182 -11.82 11.29 1.43
N SER B 183 -12.58 12.14 0.75
CA SER B 183 -12.16 12.75 -0.50
C SER B 183 -12.26 14.26 -0.33
N VAL B 184 -11.23 14.99 -0.76
CA VAL B 184 -11.22 16.42 -0.60
C VAL B 184 -10.93 17.13 -1.90
N VAL B 185 -11.20 18.43 -1.95
CA VAL B 185 -10.91 19.22 -3.11
C VAL B 185 -10.66 20.65 -2.64
N THR B 186 -9.65 21.29 -3.22
CA THR B 186 -9.44 22.71 -2.96
C THR B 186 -9.94 23.51 -4.13
N VAL B 187 -10.60 24.63 -3.83
CA VAL B 187 -11.21 25.48 -4.84
C VAL B 187 -10.97 26.95 -4.48
N PRO B 188 -11.15 27.86 -5.44
CA PRO B 188 -11.05 29.29 -5.11
C PRO B 188 -12.12 29.73 -4.11
N SER B 189 -11.72 30.48 -3.09
CA SER B 189 -12.67 31.03 -2.12
C SER B 189 -13.72 31.91 -2.81
N SER B 190 -13.33 32.56 -3.90
CA SER B 190 -14.23 33.47 -4.59
C SER B 190 -15.32 32.73 -5.36
N SER B 191 -15.29 31.40 -5.32
CA SER B 191 -16.24 30.62 -6.10
C SER B 191 -17.28 29.92 -5.23
N LEU B 192 -17.16 30.03 -3.91
CA LEU B 192 -18.06 29.29 -3.02
C LEU B 192 -19.54 29.69 -3.13
N GLY B 193 -19.81 30.92 -3.55
CA GLY B 193 -21.19 31.37 -3.68
C GLY B 193 -21.67 31.35 -5.12
N THR B 194 -20.75 31.09 -6.05
CA THR B 194 -21.07 31.03 -7.48
C THR B 194 -21.26 29.58 -7.95
N GLN B 195 -20.45 28.69 -7.41
CA GLN B 195 -20.39 27.31 -7.87
C GLN B 195 -20.90 26.34 -6.79
N THR B 196 -21.66 25.34 -7.20
CA THR B 196 -22.07 24.30 -6.27
C THR B 196 -21.11 23.12 -6.37
N TYR B 197 -20.88 22.45 -5.25
CA TYR B 197 -19.94 21.33 -5.21
C TYR B 197 -20.62 20.09 -4.67
N ILE B 198 -20.58 19.02 -5.45
CA ILE B 198 -21.24 17.76 -5.12
C ILE B 198 -20.27 16.62 -5.16
N CYS B 199 -20.18 15.82 -4.10
CA CYS B 199 -19.35 14.63 -4.20
C CYS B 199 -20.21 13.44 -4.62
N ASN B 200 -19.74 12.69 -5.60
CA ASN B 200 -20.47 11.53 -6.10
C ASN B 200 -19.78 10.25 -5.67
N VAL B 201 -20.44 9.44 -4.86
CA VAL B 201 -19.82 8.20 -4.39
C VAL B 201 -20.44 7.00 -5.09
N ASN B 202 -19.62 6.06 -5.51
CA ASN B 202 -20.13 4.88 -6.18
C ASN B 202 -19.57 3.62 -5.50
N HIS B 203 -20.46 2.79 -4.98
CA HIS B 203 -20.02 1.54 -4.36
C HIS B 203 -20.61 0.38 -5.16
N LYS B 204 -19.88 -0.04 -6.18
CA LYS B 204 -20.39 -1.07 -7.09
C LYS B 204 -20.74 -2.42 -6.42
N PRO B 205 -19.97 -2.87 -5.41
CA PRO B 205 -20.34 -4.16 -4.80
C PRO B 205 -21.77 -4.21 -4.25
N SER B 206 -22.27 -3.07 -3.77
CA SER B 206 -23.61 -3.03 -3.19
C SER B 206 -24.62 -2.37 -4.11
N ASN B 207 -24.16 -2.00 -5.31
CA ASN B 207 -24.98 -1.25 -6.25
C ASN B 207 -25.55 0.01 -5.58
N THR B 208 -24.72 0.69 -4.81
CA THR B 208 -25.16 1.91 -4.14
C THR B 208 -24.44 3.13 -4.72
N LYS B 209 -25.19 4.17 -5.04
CA LYS B 209 -24.60 5.48 -5.41
C LYS B 209 -25.21 6.53 -4.50
N VAL B 210 -24.38 7.44 -4.02
CA VAL B 210 -24.81 8.51 -3.13
C VAL B 210 -24.12 9.80 -3.53
N ASP B 211 -24.92 10.85 -3.71
CA ASP B 211 -24.38 12.19 -3.95
C ASP B 211 -24.66 13.10 -2.77
N LYS B 212 -23.68 13.91 -2.39
CA LYS B 212 -23.88 14.87 -1.32
C LYS B 212 -23.38 16.26 -1.72
N LYS B 213 -24.25 17.25 -1.60
CA LYS B 213 -23.86 18.64 -1.80
C LYS B 213 -23.09 19.14 -0.58
N VAL B 214 -21.99 19.85 -0.81
CA VAL B 214 -21.21 20.39 0.29
C VAL B 214 -21.40 21.90 0.36
N GLU B 215 -22.14 22.34 1.38
CA GLU B 215 -22.44 23.76 1.55
C GLU B 215 -21.78 24.36 2.80
N PRO B 216 -21.28 25.61 2.71
CA PRO B 216 -20.72 26.30 3.88
C PRO B 216 -21.80 26.84 4.82
N ALA C 1 22.21 -23.44 -1.10
CA ALA C 1 21.23 -22.37 -1.22
C ALA C 1 19.84 -22.95 -1.43
N VAL C 2 18.85 -22.07 -1.40
CA VAL C 2 17.45 -22.44 -1.51
C VAL C 2 16.74 -21.54 -2.52
N GLY C 3 15.44 -21.79 -2.73
CA GLY C 3 14.66 -21.00 -3.68
C GLY C 3 15.30 -21.03 -5.06
N ILE C 4 15.52 -19.86 -5.67
CA ILE C 4 16.11 -19.85 -7.01
C ILE C 4 17.56 -20.33 -6.98
N GLY C 5 18.18 -20.34 -5.80
CA GLY C 5 19.52 -20.88 -5.68
C GLY C 5 19.62 -22.40 -5.70
N ALA C 6 18.48 -23.07 -5.79
CA ALA C 6 18.50 -24.53 -5.85
C ALA C 6 17.72 -25.06 -7.04
N VAL C 7 17.52 -24.24 -8.07
CA VAL C 7 16.79 -24.77 -9.23
C VAL C 7 17.66 -25.79 -9.93
N PHE C 8 18.97 -25.61 -9.83
CA PHE C 8 19.95 -26.61 -10.27
C PHE C 8 20.61 -27.22 -9.02
#